data_7ZO4
#
_entry.id   7ZO4
#
_cell.length_a   105.081
_cell.length_b   105.081
_cell.length_c   98.418
_cell.angle_alpha   90.000
_cell.angle_beta   90.000
_cell.angle_gamma   120.000
#
_symmetry.space_group_name_H-M   'P 64 2 2'
#
loop_
_entity.id
_entity.type
_entity.pdbx_description
1 polymer 'Metallo-beta-lactamase L1'
2 non-polymer 'ZINC ION'
3 non-polymer 'SULFATE ION'
4 non-polymer '(2R,4S)-2-[(2S,3R)-1,3-bis(oxidanyl)-1-oxidanylidene-butan-2-yl]-4-[(3S)-1-ethanimidoylpyrrolidin-3-yl]sulfanyl-3,4-dihydro-2H-pyrrole-5-carboxylic acid'
5 non-polymer 'SODIUM ION'
6 water water
#
_entity_poly.entity_id   1
_entity_poly.type   'polypeptide(L)'
_entity_poly.pdbx_seq_one_letter_code
;GPAEVPLPQLRAYTVDASWLQPMAPLQIADHTWQIGTEDLTALLVQTPDGAVLLDGGMPQMASHLLDNMKARGVTPRDLR
LILLSHAHADHAGPVAELKRRTGAKVAANAESAVLLARGGSDDLHFGDGITYPPANADRIVMDGEVITVGGIVFTAHFMA
GHTPGSTAWTWTDTRNGKPVRIAYADSLSAPGYQLQGNPRYPHLIEDYRRSFATVRALPCDVLLTPHPGASNWDYAAGAR
AGAKALTCKAYADAAEQKFDGQLAKETAGAR
;
_entity_poly.pdbx_strand_id   A
#
# COMPACT_ATOMS: atom_id res chain seq x y z
N GLU A 4 12.85 39.78 15.28
CA GLU A 4 12.54 38.63 16.13
C GLU A 4 11.58 37.64 15.44
N VAL A 5 11.43 36.46 16.02
CA VAL A 5 11.25 35.26 15.20
C VAL A 5 10.10 34.36 15.62
N PRO A 6 9.04 34.28 14.82
CA PRO A 6 7.95 33.37 15.16
C PRO A 6 8.35 31.93 14.92
N LEU A 7 7.61 31.04 15.57
CA LEU A 7 7.71 29.63 15.28
C LEU A 7 7.35 29.37 13.81
N PRO A 8 7.89 28.31 13.22
CA PRO A 8 7.62 28.05 11.80
C PRO A 8 6.16 27.74 11.54
N GLN A 9 5.71 28.08 10.34
CA GLN A 9 4.40 27.63 9.90
C GLN A 9 4.42 26.11 9.76
N LEU A 10 3.24 25.50 9.90
CA LEU A 10 3.14 24.08 9.58
C LEU A 10 3.46 23.90 8.10
N ARG A 11 4.09 22.77 7.79
CA ARG A 11 4.51 22.45 6.43
C ARG A 11 3.66 21.29 5.94
N ALA A 12 3.03 21.49 4.78
CA ALA A 12 2.20 20.45 4.22
C ALA A 12 3.08 19.35 3.64
N TYR A 13 2.54 18.14 3.61
CA TYR A 13 3.18 16.99 3.00
C TYR A 13 2.98 17.12 1.50
N THR A 14 4.01 17.59 0.80
CA THR A 14 3.95 17.78 -0.64
C THR A 14 4.74 16.69 -1.34
N VAL A 15 4.28 16.32 -2.54
CA VAL A 15 4.80 15.18 -3.29
C VAL A 15 4.98 15.55 -4.76
N ASP A 16 5.74 14.72 -5.47
CA ASP A 16 5.94 14.92 -6.90
C ASP A 16 4.58 14.94 -7.61
N ALA A 17 4.47 15.78 -8.64
CA ALA A 17 3.19 15.93 -9.35
C ALA A 17 2.68 14.58 -9.87
N SER A 18 3.57 13.70 -10.35
CA SER A 18 3.11 12.44 -10.93
C SER A 18 2.34 11.62 -9.92
N TRP A 19 2.67 11.78 -8.62
CA TRP A 19 1.95 11.05 -7.58
C TRP A 19 0.49 11.53 -7.47
N LEU A 20 0.21 12.72 -7.98
CA LEU A 20 -1.11 13.33 -7.92
C LEU A 20 -1.77 13.41 -9.29
N GLN A 21 -1.18 12.76 -10.31
CA GLN A 21 -1.70 12.89 -11.67
C GLN A 21 -2.80 11.85 -11.89
N PRO A 22 -4.05 12.24 -12.06
CA PRO A 22 -5.10 11.23 -12.25
C PRO A 22 -4.88 10.42 -13.52
N MET A 23 -5.23 9.15 -13.45
CA MET A 23 -5.28 8.28 -14.63
C MET A 23 -6.60 7.54 -14.67
N ALA A 24 -6.97 7.13 -15.87
CA ALA A 24 -8.11 6.25 -16.06
C ALA A 24 -7.81 4.84 -15.55
N PRO A 25 -8.85 4.06 -15.26
CA PRO A 25 -8.61 2.69 -14.78
C PRO A 25 -7.78 1.90 -15.79
N LEU A 26 -6.80 1.17 -15.27
CA LEU A 26 -5.91 0.33 -16.05
C LEU A 26 -6.10 -1.11 -15.59
N GLN A 27 -6.48 -1.99 -16.50
CA GLN A 27 -6.78 -3.37 -16.13
C GLN A 27 -5.50 -4.16 -15.90
N ILE A 28 -5.43 -4.80 -14.73
CA ILE A 28 -4.35 -5.71 -14.39
C ILE A 28 -4.70 -7.16 -14.69
N ALA A 29 -5.92 -7.58 -14.34
CA ALA A 29 -6.41 -8.90 -14.63
C ALA A 29 -7.93 -8.80 -14.78
N ASP A 30 -8.59 -9.96 -14.93
CA ASP A 30 -10.01 -9.94 -15.25
C ASP A 30 -10.81 -9.08 -14.29
N HIS A 31 -10.46 -9.07 -13.00
CA HIS A 31 -11.24 -8.31 -12.02
C HIS A 31 -10.43 -7.30 -11.23
N THR A 32 -9.20 -7.03 -11.62
CA THR A 32 -8.32 -6.15 -10.85
C THR A 32 -7.90 -4.98 -11.73
N TRP A 33 -8.03 -3.77 -11.17
CA TRP A 33 -7.76 -2.54 -11.90
C TRP A 33 -6.93 -1.60 -11.02
N GLN A 34 -5.96 -0.92 -11.64
CA GLN A 34 -5.32 0.23 -11.02
C GLN A 34 -6.20 1.45 -11.29
N ILE A 35 -6.63 2.12 -10.21
CA ILE A 35 -7.56 3.23 -10.33
C ILE A 35 -7.05 4.49 -9.65
N GLY A 36 -5.78 4.49 -9.29
CA GLY A 36 -5.20 5.62 -8.60
C GLY A 36 -4.63 6.67 -9.55
N THR A 37 -3.40 7.10 -9.25
CA THR A 37 -2.70 8.08 -10.05
C THR A 37 -1.56 7.39 -10.79
N GLU A 38 -0.83 8.19 -11.59
CA GLU A 38 0.26 7.62 -12.37
C GLU A 38 1.30 6.98 -11.48
N ASP A 39 1.57 7.57 -10.32
CA ASP A 39 2.66 7.11 -9.48
C ASP A 39 2.24 6.68 -8.09
N LEU A 40 0.94 6.47 -7.84
CA LEU A 40 0.51 5.83 -6.61
C LEU A 40 -0.55 4.77 -6.92
N THR A 41 -0.33 3.57 -6.38
CA THR A 41 -1.24 2.47 -6.61
C THR A 41 -2.48 2.57 -5.74
N ALA A 42 -3.62 2.32 -6.36
CA ALA A 42 -4.87 2.05 -5.65
C ALA A 42 -5.61 1.00 -6.45
N LEU A 43 -5.76 -0.20 -5.91
CA LEU A 43 -6.27 -1.34 -6.66
C LEU A 43 -7.75 -1.58 -6.35
N LEU A 44 -8.56 -1.66 -7.41
CA LEU A 44 -9.95 -2.05 -7.30
C LEU A 44 -10.10 -3.49 -7.78
N VAL A 45 -10.66 -4.34 -6.92
CA VAL A 45 -11.02 -5.72 -7.28
C VAL A 45 -12.53 -5.84 -7.23
N GLN A 46 -13.13 -6.14 -8.38
CA GLN A 46 -14.58 -6.17 -8.55
C GLN A 46 -15.08 -7.60 -8.50
N THR A 47 -16.02 -7.88 -7.61
CA THR A 47 -16.58 -9.22 -7.48
C THR A 47 -18.08 -9.15 -7.70
N PRO A 48 -18.75 -10.30 -7.89
CA PRO A 48 -20.22 -10.29 -7.99
C PRO A 48 -20.90 -9.90 -6.70
N ASP A 49 -20.14 -9.76 -5.61
CA ASP A 49 -20.67 -9.45 -4.28
C ASP A 49 -20.05 -8.18 -3.72
N GLY A 50 -19.70 -7.23 -4.59
CA GLY A 50 -19.16 -5.96 -4.16
C GLY A 50 -17.69 -5.85 -4.51
N ALA A 51 -17.15 -4.67 -4.23
CA ALA A 51 -15.79 -4.34 -4.63
C ALA A 51 -14.88 -4.17 -3.41
N VAL A 52 -13.60 -4.41 -3.65
CA VAL A 52 -12.53 -4.24 -2.67
C VAL A 52 -11.57 -3.19 -3.20
N LEU A 53 -11.12 -2.32 -2.32
CA LEU A 53 -10.07 -1.35 -2.63
C LEU A 53 -8.86 -1.66 -1.78
N LEU A 54 -7.71 -1.79 -2.43
CA LEU A 54 -6.43 -1.93 -1.72
C LEU A 54 -5.64 -0.66 -1.95
N ASP A 55 -5.51 0.13 -0.87
CA ASP A 55 -4.90 1.46 -0.82
C ASP A 55 -5.75 2.53 -1.53
N GLY A 56 -5.58 3.78 -1.13
CA GLY A 56 -6.19 4.90 -1.80
C GLY A 56 -5.25 6.01 -2.19
N GLY A 57 -3.97 5.88 -1.87
CA GLY A 57 -3.03 6.93 -2.18
C GLY A 57 -3.07 8.09 -1.20
N MET A 58 -2.99 9.33 -1.74
CA MET A 58 -2.92 10.53 -0.94
C MET A 58 -4.32 11.00 -0.48
N PRO A 59 -4.38 11.85 0.55
CA PRO A 59 -5.70 12.26 1.07
C PRO A 59 -6.59 12.90 0.03
N GLN A 60 -6.00 13.64 -0.90
CA GLN A 60 -6.81 14.38 -1.87
C GLN A 60 -7.30 13.52 -3.03
N MET A 61 -7.02 12.22 -3.04
CA MET A 61 -7.45 11.34 -4.13
C MET A 61 -8.86 10.76 -3.98
N ALA A 62 -9.60 11.06 -2.90
CA ALA A 62 -10.84 10.33 -2.65
C ALA A 62 -11.84 10.50 -3.81
N SER A 63 -12.07 11.73 -4.24
CA SER A 63 -13.08 11.93 -5.29
C SER A 63 -12.66 11.26 -6.60
N HIS A 64 -11.39 11.38 -6.96
CA HIS A 64 -10.90 10.70 -8.16
C HIS A 64 -11.16 9.20 -8.08
N LEU A 65 -10.85 8.59 -6.93
CA LEU A 65 -11.09 7.16 -6.76
C LEU A 65 -12.56 6.82 -6.96
N LEU A 66 -13.45 7.62 -6.38
CA LEU A 66 -14.88 7.37 -6.54
C LEU A 66 -15.30 7.55 -8.00
N ASP A 67 -14.71 8.51 -8.71
CA ASP A 67 -14.98 8.66 -10.14
C ASP A 67 -14.60 7.39 -10.89
N ASN A 68 -13.42 6.86 -10.59
CA ASN A 68 -12.97 5.68 -11.33
C ASN A 68 -13.79 4.47 -10.96
N MET A 69 -14.21 4.37 -9.71
CA MET A 69 -15.13 3.29 -9.34
C MET A 69 -16.41 3.40 -10.15
N LYS A 70 -16.99 4.61 -10.22
CA LYS A 70 -18.21 4.80 -10.99
C LYS A 70 -18.00 4.38 -12.44
N ALA A 71 -16.87 4.78 -13.02
CA ALA A 71 -16.55 4.39 -14.38
C ALA A 71 -16.52 2.87 -14.54
N ARG A 72 -16.12 2.14 -13.50
CA ARG A 72 -16.03 0.69 -13.51
C ARG A 72 -17.36 0.01 -13.16
N GLY A 73 -18.40 0.78 -12.86
CA GLY A 73 -19.68 0.22 -12.47
C GLY A 73 -19.85 0.00 -10.98
N VAL A 74 -18.97 0.59 -10.15
CA VAL A 74 -18.98 0.39 -8.71
C VAL A 74 -19.53 1.68 -8.09
N THR A 75 -20.72 1.61 -7.54
CA THR A 75 -21.27 2.74 -6.80
C THR A 75 -20.70 2.75 -5.39
N PRO A 76 -20.89 3.85 -4.67
CA PRO A 76 -20.42 3.89 -3.28
C PRO A 76 -20.98 2.77 -2.41
N ARG A 77 -22.24 2.40 -2.58
CA ARG A 77 -22.79 1.30 -1.81
C ARG A 77 -22.07 -0.01 -2.10
N ASP A 78 -21.51 -0.17 -3.30
CA ASP A 78 -20.92 -1.44 -3.70
C ASP A 78 -19.51 -1.63 -3.17
N LEU A 79 -18.85 -0.58 -2.70
CA LEU A 79 -17.52 -0.73 -2.11
C LEU A 79 -17.68 -1.28 -0.70
N ARG A 80 -17.23 -2.51 -0.51
CA ARG A 80 -17.48 -3.25 0.72
C ARG A 80 -16.29 -3.26 1.66
N LEU A 81 -15.06 -3.16 1.14
CA LEU A 81 -13.89 -3.43 1.94
C LEU A 81 -12.74 -2.59 1.42
N ILE A 82 -11.99 -2.00 2.36
CA ILE A 82 -10.70 -1.36 2.09
C ILE A 82 -9.63 -2.12 2.85
N LEU A 83 -8.58 -2.52 2.13
CA LEU A 83 -7.38 -3.12 2.68
C LEU A 83 -6.22 -2.17 2.44
N LEU A 84 -5.17 -2.29 3.26
CA LEU A 84 -4.04 -1.38 3.19
C LEU A 84 -2.71 -2.13 3.15
N SER A 85 -1.79 -1.62 2.34
CA SER A 85 -0.38 -2.02 2.44
C SER A 85 0.22 -1.52 3.75
N HIS A 86 0.20 -0.20 3.98
CA HIS A 86 0.56 0.34 5.27
C HIS A 86 -0.08 1.71 5.40
N ALA A 87 -0.13 2.21 6.64
CA ALA A 87 -0.95 3.35 7.00
C ALA A 87 -0.17 4.66 7.04
N HIS A 88 0.52 4.97 5.94
CA HIS A 88 1.11 6.29 5.76
C HIS A 88 0.23 7.14 4.86
N ALA A 89 0.46 8.45 4.92
CA ALA A 89 -0.42 9.42 4.25
C ALA A 89 -0.50 9.22 2.75
N ASP A 90 0.59 8.75 2.12
CA ASP A 90 0.60 8.59 0.67
C ASP A 90 -0.05 7.29 0.20
N HIS A 91 -0.57 6.46 1.11
CA HIS A 91 -1.21 5.22 0.73
C HIS A 91 -2.58 4.99 1.35
N ALA A 92 -2.76 5.47 2.59
CA ALA A 92 -4.00 5.40 3.32
C ALA A 92 -4.66 6.77 3.46
N GLY A 93 -4.12 7.79 2.80
CA GLY A 93 -4.57 9.15 2.94
C GLY A 93 -6.08 9.37 2.95
N PRO A 94 -6.79 8.82 1.96
CA PRO A 94 -8.24 9.13 1.84
C PRO A 94 -9.17 8.12 2.51
N VAL A 95 -8.64 7.24 3.37
CA VAL A 95 -9.47 6.18 3.93
C VAL A 95 -10.64 6.74 4.74
N ALA A 96 -10.38 7.72 5.61
CA ALA A 96 -11.47 8.25 6.44
C ALA A 96 -12.61 8.76 5.59
N GLU A 97 -12.28 9.53 4.55
CA GLU A 97 -13.30 10.13 3.69
C GLU A 97 -14.03 9.06 2.88
N LEU A 98 -13.28 8.07 2.37
CA LEU A 98 -13.90 6.94 1.69
C LEU A 98 -14.92 6.24 2.57
N LYS A 99 -14.60 6.03 3.86
CA LYS A 99 -15.55 5.38 4.75
C LYS A 99 -16.81 6.23 4.92
N ARG A 100 -16.65 7.54 5.00
CA ARG A 100 -17.84 8.38 5.17
C ARG A 100 -18.72 8.39 3.94
N ARG A 101 -18.13 8.19 2.75
CA ARG A 101 -18.83 8.37 1.49
C ARG A 101 -19.22 7.06 0.81
N THR A 102 -18.85 5.91 1.38
CA THR A 102 -19.19 4.64 0.77
C THR A 102 -19.62 3.67 1.86
N GLY A 103 -20.00 2.45 1.44
CA GLY A 103 -20.27 1.38 2.39
C GLY A 103 -19.05 0.66 2.93
N ALA A 104 -17.86 1.17 2.67
CA ALA A 104 -16.67 0.38 2.87
C ALA A 104 -16.28 0.28 4.35
N LYS A 105 -15.83 -0.90 4.74
CA LYS A 105 -15.27 -1.15 6.05
C LYS A 105 -13.81 -1.50 5.86
N VAL A 106 -13.00 -1.16 6.86
CA VAL A 106 -11.55 -1.33 6.79
C VAL A 106 -11.14 -2.55 7.59
N ALA A 107 -10.31 -3.41 6.97
CA ALA A 107 -9.66 -4.51 7.67
C ALA A 107 -8.15 -4.29 7.67
N ALA A 108 -7.53 -4.41 8.84
CA ALA A 108 -6.10 -4.17 8.96
C ALA A 108 -5.55 -4.88 10.19
N ASN A 109 -4.23 -5.10 10.20
CA ASN A 109 -3.61 -5.66 11.41
C ASN A 109 -3.57 -4.60 12.52
N ALA A 110 -3.28 -5.07 13.74
CA ALA A 110 -3.31 -4.19 14.90
C ALA A 110 -2.35 -3.00 14.74
N GLU A 111 -1.13 -3.26 14.26
CA GLU A 111 -0.19 -2.16 14.09
C GLU A 111 -0.75 -1.12 13.12
N SER A 112 -1.25 -1.56 11.96
CA SER A 112 -1.76 -0.59 11.01
C SER A 112 -2.99 0.12 11.53
N ALA A 113 -3.83 -0.60 12.29
CA ALA A 113 -5.03 0.00 12.86
C ALA A 113 -4.69 1.11 13.84
N VAL A 114 -3.64 0.90 14.64
N VAL A 114 -3.64 0.92 14.65
CA VAL A 114 -3.26 1.90 15.65
CA VAL A 114 -3.36 1.96 15.64
C VAL A 114 -2.74 3.16 14.97
C VAL A 114 -2.72 3.18 14.97
N LEU A 115 -1.91 3.00 13.94
CA LEU A 115 -1.35 4.13 13.22
C LEU A 115 -2.44 4.86 12.44
N LEU A 116 -3.34 4.10 11.79
CA LEU A 116 -4.45 4.71 11.07
C LEU A 116 -5.33 5.55 12.00
N ALA A 117 -5.57 5.04 13.21
CA ALA A 117 -6.45 5.71 14.16
C ALA A 117 -5.85 7.00 14.71
N ARG A 118 -4.53 7.16 14.63
CA ARG A 118 -3.91 8.43 14.97
C ARG A 118 -3.52 9.25 13.74
N GLY A 119 -4.07 8.92 12.58
CA GLY A 119 -3.82 9.70 11.38
C GLY A 119 -2.36 9.78 11.00
N GLY A 120 -1.58 8.75 11.29
CA GLY A 120 -0.18 8.78 11.00
C GLY A 120 0.66 9.67 11.87
N SER A 121 0.08 10.26 12.92
CA SER A 121 0.85 11.08 13.85
C SER A 121 1.70 10.18 14.75
N ASP A 122 2.67 10.78 15.42
CA ASP A 122 3.62 10.05 16.28
C ASP A 122 4.20 8.85 15.54
N ASP A 123 4.56 9.06 14.27
CA ASP A 123 5.22 8.02 13.48
C ASP A 123 6.59 7.69 14.08
N LEU A 124 6.97 6.40 14.02
CA LEU A 124 8.23 6.00 14.64
C LEU A 124 9.40 6.78 14.08
N HIS A 125 9.32 7.20 12.82
CA HIS A 125 10.44 7.87 12.17
C HIS A 125 10.13 9.29 11.72
N PHE A 126 8.88 9.59 11.35
CA PHE A 126 8.53 10.88 10.77
C PHE A 126 7.91 11.83 11.79
N GLY A 127 7.68 11.39 13.02
CA GLY A 127 7.00 12.24 13.98
C GLY A 127 5.61 12.60 13.51
N ASP A 128 5.30 13.92 13.54
CA ASP A 128 4.02 14.43 13.08
C ASP A 128 4.12 15.09 11.71
N GLY A 129 5.19 14.82 10.96
CA GLY A 129 5.40 15.53 9.71
C GLY A 129 4.54 15.04 8.57
N ILE A 130 3.97 13.86 8.68
CA ILE A 130 3.24 13.24 7.58
C ILE A 130 1.98 12.64 8.17
N THR A 131 0.96 13.48 8.38
CA THR A 131 -0.30 13.07 8.98
C THR A 131 -1.44 13.17 7.97
N TYR A 132 -2.57 12.58 8.32
CA TYR A 132 -3.74 12.55 7.45
C TYR A 132 -4.95 12.27 8.33
N PRO A 133 -6.16 12.38 7.78
CA PRO A 133 -7.35 12.21 8.64
C PRO A 133 -7.42 10.82 9.24
N PRO A 134 -7.62 10.71 10.56
CA PRO A 134 -7.67 9.40 11.20
C PRO A 134 -8.90 8.61 10.82
N ALA A 135 -8.73 7.28 10.81
CA ALA A 135 -9.82 6.38 10.52
C ALA A 135 -9.73 5.18 11.44
N ASN A 136 -10.87 4.54 11.67
CA ASN A 136 -10.96 3.36 12.52
C ASN A 136 -11.06 2.11 11.66
N ALA A 137 -10.41 1.05 12.12
CA ALA A 137 -10.56 -0.24 11.47
C ALA A 137 -11.79 -0.95 12.02
N ASP A 138 -12.49 -1.66 11.14
CA ASP A 138 -13.67 -2.44 11.49
C ASP A 138 -13.37 -3.88 11.82
N ARG A 139 -12.24 -4.40 11.35
CA ARG A 139 -11.85 -5.77 11.56
C ARG A 139 -10.32 -5.78 11.67
N ILE A 140 -9.83 -6.49 12.69
CA ILE A 140 -8.39 -6.69 12.91
C ILE A 140 -8.03 -8.06 12.35
N VAL A 141 -6.97 -8.09 11.53
CA VAL A 141 -6.54 -9.33 10.91
C VAL A 141 -5.21 -9.77 11.47
N MET A 142 -5.03 -11.09 11.52
CA MET A 142 -3.80 -11.72 11.99
C MET A 142 -2.99 -12.20 10.79
N ASP A 143 -1.73 -12.50 11.05
CA ASP A 143 -0.84 -12.90 9.97
C ASP A 143 -1.34 -14.21 9.35
N GLY A 144 -1.49 -14.20 8.02
CA GLY A 144 -1.99 -15.35 7.32
C GLY A 144 -3.49 -15.49 7.25
N GLU A 145 -4.23 -14.60 7.90
CA GLU A 145 -5.68 -14.65 7.88
C GLU A 145 -6.18 -14.33 6.48
N VAL A 146 -7.31 -14.93 6.12
CA VAL A 146 -7.92 -14.70 4.82
C VAL A 146 -9.18 -13.86 5.00
N ILE A 147 -9.48 -13.07 3.97
CA ILE A 147 -10.76 -12.39 3.85
C ILE A 147 -11.31 -12.68 2.48
N THR A 148 -12.59 -13.04 2.41
CA THR A 148 -13.20 -13.51 1.18
C THR A 148 -14.33 -12.58 0.80
N VAL A 149 -14.26 -12.03 -0.40
CA VAL A 149 -15.30 -11.17 -0.94
C VAL A 149 -15.70 -11.73 -2.28
N GLY A 150 -17.01 -12.00 -2.44
CA GLY A 150 -17.55 -12.46 -3.70
C GLY A 150 -16.73 -13.55 -4.34
N GLY A 151 -16.11 -14.39 -3.52
CA GLY A 151 -15.35 -15.52 -4.00
C GLY A 151 -13.88 -15.28 -4.25
N ILE A 152 -13.40 -14.06 -4.08
CA ILE A 152 -11.98 -13.76 -4.18
C ILE A 152 -11.40 -13.80 -2.78
N VAL A 153 -10.35 -14.60 -2.61
CA VAL A 153 -9.74 -14.82 -1.30
C VAL A 153 -8.46 -14.01 -1.20
N PHE A 154 -8.46 -13.06 -0.26
CA PHE A 154 -7.30 -12.22 0.03
C PHE A 154 -6.61 -12.75 1.27
N THR A 155 -5.30 -13.00 1.17
CA THR A 155 -4.50 -13.49 2.27
C THR A 155 -3.50 -12.42 2.69
N ALA A 156 -3.42 -12.16 3.99
CA ALA A 156 -2.49 -11.18 4.56
C ALA A 156 -1.17 -11.85 4.87
N HIS A 157 -0.07 -11.23 4.48
CA HIS A 157 1.29 -11.68 4.82
C HIS A 157 2.02 -10.53 5.48
N PHE A 158 2.22 -10.59 6.79
CA PHE A 158 2.86 -9.47 7.44
C PHE A 158 4.32 -9.37 6.98
N MET A 159 4.77 -8.14 6.78
CA MET A 159 6.14 -7.89 6.34
C MET A 159 6.57 -6.55 6.96
N ALA A 160 6.69 -6.58 8.29
CA ALA A 160 7.05 -5.41 9.08
C ALA A 160 8.39 -4.84 8.67
N GLY A 161 8.47 -3.51 8.70
CA GLY A 161 9.74 -2.85 8.50
C GLY A 161 9.51 -1.39 8.12
N HIS A 162 9.02 -1.18 6.88
CA HIS A 162 8.72 0.18 6.47
C HIS A 162 7.76 0.84 7.47
N THR A 163 6.74 0.10 7.92
CA THR A 163 5.99 0.40 9.12
C THR A 163 5.91 -0.91 9.89
N PRO A 164 5.66 -0.87 11.21
CA PRO A 164 5.42 -2.12 11.94
C PRO A 164 4.32 -2.98 11.34
N GLY A 165 3.27 -2.35 10.79
CA GLY A 165 2.11 -3.05 10.28
C GLY A 165 2.11 -3.35 8.80
N SER A 166 3.23 -3.12 8.11
CA SER A 166 3.32 -3.36 6.68
C SER A 166 2.85 -4.76 6.35
N THR A 167 2.03 -4.86 5.29
CA THR A 167 1.39 -6.11 4.89
C THR A 167 1.45 -6.28 3.39
N ALA A 168 1.72 -7.50 2.94
CA ALA A 168 1.49 -7.92 1.56
C ALA A 168 0.14 -8.62 1.49
N TRP A 169 -0.63 -8.29 0.47
CA TRP A 169 -1.92 -8.92 0.22
C TRP A 169 -1.83 -9.72 -1.06
N THR A 170 -2.29 -10.97 -1.03
CA THR A 170 -2.24 -11.81 -2.20
C THR A 170 -3.63 -12.36 -2.52
N TRP A 171 -3.87 -12.52 -3.82
CA TRP A 171 -5.10 -13.16 -4.27
C TRP A 171 -4.90 -13.71 -5.67
N THR A 172 -5.79 -14.61 -6.08
CA THR A 172 -5.73 -15.22 -7.40
C THR A 172 -6.89 -14.73 -8.24
N ASP A 173 -6.56 -14.03 -9.32
CA ASP A 173 -7.49 -13.61 -10.35
C ASP A 173 -7.28 -14.51 -11.57
N THR A 174 -7.90 -14.15 -12.69
CA THR A 174 -7.76 -14.87 -13.95
C THR A 174 -7.44 -13.88 -15.05
N ARG A 175 -6.89 -14.42 -16.14
CA ARG A 175 -6.55 -13.62 -17.32
C ARG A 175 -6.38 -14.62 -18.44
N ASN A 176 -6.97 -14.34 -19.59
CA ASN A 176 -6.88 -15.23 -20.75
C ASN A 176 -7.21 -16.66 -20.36
N GLY A 177 -8.15 -16.83 -19.44
CA GLY A 177 -8.60 -18.13 -19.01
C GLY A 177 -7.82 -18.77 -17.89
N LYS A 178 -6.61 -18.25 -17.59
CA LYS A 178 -5.71 -18.91 -16.67
C LYS A 178 -5.61 -18.16 -15.35
N PRO A 179 -5.28 -18.85 -14.27
CA PRO A 179 -5.10 -18.18 -12.98
C PRO A 179 -3.87 -17.28 -13.00
N VAL A 180 -4.00 -16.14 -12.32
CA VAL A 180 -2.92 -15.19 -12.11
C VAL A 180 -2.85 -14.94 -10.59
N ARG A 181 -1.75 -15.37 -9.97
CA ARG A 181 -1.51 -15.11 -8.55
C ARG A 181 -0.90 -13.73 -8.42
N ILE A 182 -1.70 -12.78 -7.94
CA ILE A 182 -1.29 -11.40 -7.78
C ILE A 182 -0.74 -11.21 -6.37
N ALA A 183 0.42 -10.57 -6.27
CA ALA A 183 1.01 -10.20 -5.00
C ALA A 183 1.13 -8.69 -4.95
N TYR A 184 0.37 -8.07 -4.06
CA TYR A 184 0.49 -6.64 -3.76
C TYR A 184 1.41 -6.55 -2.54
N ALA A 185 2.71 -6.43 -2.80
CA ALA A 185 3.72 -6.40 -1.74
C ALA A 185 3.96 -4.97 -1.29
N ASP A 186 4.07 -4.79 0.02
CA ASP A 186 4.26 -3.46 0.56
C ASP A 186 5.67 -2.97 0.27
N SER A 187 5.86 -1.69 0.55
CA SER A 187 7.15 -1.04 0.48
C SER A 187 8.17 -1.71 1.40
N LEU A 188 9.42 -1.70 0.95
CA LEU A 188 10.55 -2.24 1.69
C LEU A 188 11.64 -1.19 1.86
N SER A 189 11.32 0.07 1.61
CA SER A 189 12.25 1.16 1.79
C SER A 189 12.35 1.55 3.26
N ALA A 190 13.38 2.32 3.57
CA ALA A 190 13.57 2.85 4.92
C ALA A 190 14.02 4.30 4.80
N PRO A 191 13.12 5.18 4.26
CA PRO A 191 13.53 6.55 3.92
C PRO A 191 13.90 7.44 5.08
N GLY A 192 15.18 7.71 5.21
CA GLY A 192 15.71 8.51 6.29
C GLY A 192 15.69 7.83 7.65
N TYR A 193 15.44 6.53 7.70
CA TYR A 193 15.26 5.88 8.98
C TYR A 193 16.62 5.67 9.65
N GLN A 194 16.63 5.80 10.98
CA GLN A 194 17.71 5.24 11.78
C GLN A 194 17.45 3.75 11.91
N LEU A 195 18.35 2.95 11.34
CA LEU A 195 18.15 1.51 11.32
C LEU A 195 18.69 0.83 12.57
N GLN A 196 19.92 1.14 12.96
CA GLN A 196 20.60 0.46 14.06
C GLN A 196 20.33 1.17 15.38
N GLY A 197 20.02 0.39 16.41
CA GLY A 197 19.84 0.92 17.75
C GLY A 197 18.74 1.95 17.85
N ASN A 198 17.67 1.78 17.10
CA ASN A 198 16.59 2.75 17.14
C ASN A 198 15.72 2.47 18.37
N PRO A 199 15.62 3.41 19.32
CA PRO A 199 14.89 3.07 20.56
C PRO A 199 13.40 2.88 20.33
N ARG A 200 12.83 3.51 19.30
CA ARG A 200 11.43 3.29 19.02
C ARG A 200 11.17 2.01 18.21
N TYR A 201 12.23 1.36 17.68
CA TYR A 201 12.08 0.14 16.89
C TYR A 201 13.32 -0.73 17.05
N PRO A 202 13.48 -1.36 18.20
CA PRO A 202 14.75 -2.06 18.47
C PRO A 202 15.05 -3.22 17.54
N HIS A 203 14.04 -3.94 17.04
CA HIS A 203 14.27 -5.09 16.17
C HIS A 203 14.06 -4.74 14.70
N LEU A 204 14.26 -3.48 14.34
CA LEU A 204 13.97 -3.04 12.98
C LEU A 204 14.71 -3.88 11.96
N ILE A 205 16.01 -4.10 12.16
CA ILE A 205 16.80 -4.80 11.16
C ILE A 205 16.32 -6.23 11.00
N GLU A 206 16.13 -6.93 12.12
CA GLU A 206 15.64 -8.31 12.08
C GLU A 206 14.32 -8.38 11.33
N ASP A 207 13.43 -7.40 11.58
CA ASP A 207 12.13 -7.40 10.93
C ASP A 207 12.27 -7.21 9.42
N TYR A 208 13.09 -6.26 8.99
CA TYR A 208 13.29 -6.08 7.56
C TYR A 208 13.84 -7.36 6.92
N ARG A 209 14.79 -8.03 7.59
CA ARG A 209 15.37 -9.22 6.98
C ARG A 209 14.33 -10.32 6.83
N ARG A 210 13.51 -10.53 7.85
CA ARG A 210 12.46 -11.52 7.73
C ARG A 210 11.49 -11.12 6.62
N SER A 211 11.25 -9.81 6.47
CA SER A 211 10.31 -9.35 5.44
C SER A 211 10.86 -9.56 4.03
N PHE A 212 12.14 -9.36 3.83
CA PHE A 212 12.71 -9.70 2.53
C PHE A 212 12.41 -11.17 2.19
N ALA A 213 12.54 -12.04 3.18
CA ALA A 213 12.33 -13.47 2.92
C ALA A 213 10.87 -13.77 2.66
N THR A 214 9.99 -13.13 3.42
CA THR A 214 8.55 -13.27 3.19
C THR A 214 8.19 -12.87 1.77
N VAL A 215 8.68 -11.71 1.31
CA VAL A 215 8.36 -11.24 -0.03
C VAL A 215 8.88 -12.19 -1.10
N ARG A 216 10.10 -12.71 -0.92
CA ARG A 216 10.72 -13.60 -1.90
C ARG A 216 9.89 -14.85 -2.14
N ALA A 217 9.18 -15.31 -1.11
CA ALA A 217 8.45 -16.57 -1.19
C ALA A 217 6.96 -16.42 -1.47
N LEU A 218 6.47 -15.20 -1.73
CA LEU A 218 5.04 -15.03 -1.96
C LEU A 218 4.59 -15.71 -3.24
N PRO A 219 3.36 -16.22 -3.29
CA PRO A 219 2.79 -16.65 -4.58
C PRO A 219 2.66 -15.44 -5.47
N CYS A 220 3.33 -15.47 -6.62
CA CYS A 220 3.63 -14.20 -7.28
C CYS A 220 3.81 -14.28 -8.78
N ASP A 221 2.72 -14.60 -9.50
CA ASP A 221 2.76 -14.49 -10.96
C ASP A 221 2.93 -13.03 -11.39
N VAL A 222 2.31 -12.11 -10.64
CA VAL A 222 2.37 -10.68 -10.92
C VAL A 222 2.57 -9.95 -9.61
N LEU A 223 3.63 -9.15 -9.54
CA LEU A 223 3.90 -8.28 -8.40
C LEU A 223 3.42 -6.86 -8.72
N LEU A 224 2.77 -6.24 -7.72
CA LEU A 224 2.46 -4.82 -7.73
C LEU A 224 2.92 -4.24 -6.40
N THR A 225 3.22 -2.94 -6.38
CA THR A 225 3.73 -2.30 -5.18
C THR A 225 3.08 -0.93 -5.02
N PRO A 226 3.04 -0.41 -3.77
CA PRO A 226 2.35 0.88 -3.55
C PRO A 226 2.92 2.02 -4.38
N HIS A 227 4.24 2.10 -4.50
CA HIS A 227 4.86 2.96 -5.50
C HIS A 227 5.19 2.08 -6.71
N PRO A 228 4.50 2.26 -7.86
CA PRO A 228 4.72 1.32 -8.97
C PRO A 228 6.16 1.22 -9.39
N GLY A 229 6.91 2.32 -9.27
CA GLY A 229 8.30 2.28 -9.70
C GLY A 229 9.14 1.28 -8.93
N ALA A 230 8.75 0.98 -7.68
CA ALA A 230 9.50 0.02 -6.88
C ALA A 230 9.48 -1.37 -7.52
N SER A 231 8.43 -1.69 -8.27
CA SER A 231 8.33 -3.00 -8.93
C SER A 231 8.46 -2.85 -10.45
N ASN A 232 8.87 -1.68 -10.92
CA ASN A 232 9.14 -1.44 -12.33
C ASN A 232 7.89 -1.39 -13.17
N TRP A 233 6.75 -1.07 -12.57
CA TRP A 233 5.55 -0.78 -13.32
C TRP A 233 5.66 0.65 -13.84
N ASP A 234 5.00 0.90 -14.98
CA ASP A 234 4.86 2.24 -15.54
C ASP A 234 3.39 2.41 -15.92
N TYR A 235 2.59 2.96 -15.00
CA TYR A 235 1.14 2.99 -15.21
C TYR A 235 0.74 3.80 -16.43
N ALA A 236 1.59 4.67 -16.92
CA ALA A 236 1.28 5.48 -18.09
C ALA A 236 1.63 4.79 -19.39
N ALA A 237 2.24 3.61 -19.35
CA ALA A 237 2.74 2.93 -20.54
C ALA A 237 1.69 2.06 -21.21
N GLY A 238 0.44 2.13 -20.77
CA GLY A 238 -0.64 1.48 -21.47
C GLY A 238 -0.54 -0.03 -21.51
N ALA A 239 -0.50 -0.58 -22.73
CA ALA A 239 -0.48 -2.02 -22.90
C ALA A 239 0.81 -2.64 -22.44
N ARG A 240 1.86 -1.84 -22.22
CA ARG A 240 3.13 -2.34 -21.70
C ARG A 240 3.40 -1.81 -20.28
N ALA A 241 2.35 -1.40 -19.56
CA ALA A 241 2.55 -0.85 -18.22
C ALA A 241 3.27 -1.84 -17.31
N GLY A 242 2.92 -3.12 -17.39
CA GLY A 242 3.49 -4.14 -16.54
C GLY A 242 4.56 -5.00 -17.19
N ALA A 243 4.99 -4.66 -18.41
CA ALA A 243 5.89 -5.54 -19.14
C ALA A 243 7.21 -5.74 -18.41
N LYS A 244 7.73 -4.68 -17.79
CA LYS A 244 9.04 -4.73 -17.15
C LYS A 244 8.96 -5.08 -15.66
N ALA A 245 7.77 -5.42 -15.15
CA ALA A 245 7.63 -5.61 -13.72
C ALA A 245 8.62 -6.66 -13.21
N LEU A 246 9.13 -6.40 -12.00
CA LEU A 246 9.98 -7.35 -11.31
C LEU A 246 9.16 -8.53 -10.80
N THR A 247 9.84 -9.68 -10.68
CA THR A 247 9.33 -10.75 -9.83
C THR A 247 9.43 -10.32 -8.36
N CYS A 248 8.65 -11.00 -7.51
CA CYS A 248 8.81 -10.78 -6.08
C CYS A 248 10.24 -11.09 -5.62
N LYS A 249 10.85 -12.15 -6.18
CA LYS A 249 12.24 -12.48 -5.83
C LYS A 249 13.18 -11.32 -6.12
N ALA A 250 13.07 -10.73 -7.31
CA ALA A 250 13.94 -9.61 -7.68
C ALA A 250 13.64 -8.36 -6.85
N TYR A 251 12.36 -8.11 -6.57
CA TYR A 251 12.01 -6.98 -5.73
C TYR A 251 12.65 -7.12 -4.36
N ALA A 252 12.52 -8.32 -3.76
CA ALA A 252 13.09 -8.55 -2.44
C ALA A 252 14.60 -8.42 -2.45
N ASP A 253 15.25 -8.98 -3.49
CA ASP A 253 16.70 -8.90 -3.54
C ASP A 253 17.16 -7.46 -3.69
N ALA A 254 16.50 -6.70 -4.56
CA ALA A 254 16.91 -5.31 -4.76
C ALA A 254 16.72 -4.52 -3.48
N ALA A 255 15.63 -4.76 -2.77
CA ALA A 255 15.40 -4.04 -1.53
C ALA A 255 16.43 -4.39 -0.48
N GLU A 256 16.86 -5.66 -0.45
CA GLU A 256 17.86 -6.07 0.53
C GLU A 256 19.23 -5.48 0.20
N GLN A 257 19.61 -5.47 -1.08
CA GLN A 257 20.86 -4.82 -1.43
C GLN A 257 20.84 -3.33 -1.08
N LYS A 258 19.73 -2.63 -1.36
CA LYS A 258 19.63 -1.23 -0.96
C LYS A 258 19.76 -1.08 0.56
N PHE A 259 19.06 -1.93 1.30
CA PHE A 259 19.07 -1.87 2.77
C PHE A 259 20.48 -2.10 3.30
N ASP A 260 21.20 -3.10 2.76
CA ASP A 260 22.58 -3.34 3.17
C ASP A 260 23.45 -2.13 2.92
N GLY A 261 23.24 -1.45 1.79
CA GLY A 261 24.01 -0.24 1.52
C GLY A 261 23.69 0.85 2.52
N GLN A 262 22.40 1.03 2.83
CA GLN A 262 22.01 2.03 3.81
C GLN A 262 22.61 1.72 5.18
N LEU A 263 22.67 0.44 5.55
CA LEU A 263 23.28 0.08 6.83
C LEU A 263 24.75 0.51 6.86
N ALA A 264 25.48 0.20 5.80
CA ALA A 264 26.90 0.53 5.74
C ALA A 264 27.09 2.04 5.79
N LYS A 265 26.24 2.78 5.07
CA LYS A 265 26.35 4.24 5.09
C LYS A 265 26.00 4.81 6.46
N GLU A 266 25.04 4.20 7.15
CA GLU A 266 24.70 4.67 8.50
C GLU A 266 25.85 4.42 9.46
N THR A 267 26.51 3.28 9.34
CA THR A 267 27.67 3.01 10.16
C THR A 267 28.79 4.03 9.90
N ALA A 268 28.94 4.44 8.64
CA ALA A 268 29.96 5.42 8.31
C ALA A 268 29.54 6.85 8.64
N GLY A 269 28.25 7.11 8.74
CA GLY A 269 27.75 8.46 8.91
C GLY A 269 27.59 8.86 10.37
#